data_6CB5
#
_entry.id   6CB5
#
_cell.length_a   68.250
_cell.length_b   69.125
_cell.length_c   89.246
_cell.angle_alpha   90.00
_cell.angle_beta   90.00
_cell.angle_gamma   90.00
#
_symmetry.space_group_name_H-M   'P 21 21 21'
#
loop_
_entity.id
_entity.type
_entity.pdbx_description
1 polymer 'Macrophage migration inhibitory factor'
2 non-polymer '2-[(naphthalen-2-yl)oxy]-5-(1H-pyrazol-4-yl)benzoic acid'
3 non-polymer 'SULFATE ION'
4 water water
#
_entity_poly.entity_id   1
_entity_poly.type   'polypeptide(L)'
_entity_poly.pdbx_seq_one_letter_code
;PMFIVNTNVPRASVPDGFLSELTQQLAQATGKPPQYIAVHVVPDQLMAFGGSSEPCALCSLHSIGKIGGAQNRSYSKLLC
GLLAERLRISPDRVYINYYDMNAANVGWNNSTFA
;
_entity_poly.pdbx_strand_id   A,B,C
#
loop_
_chem_comp.id
_chem_comp.type
_chem_comp.name
_chem_comp.formula
EV7 non-polymer '2-[(naphthalen-2-yl)oxy]-5-(1H-pyrazol-4-yl)benzoic acid' 'C20 H14 N2 O3'
SO4 non-polymer 'SULFATE ION' 'O4 S -2'
#
# COMPACT_ATOMS: atom_id res chain seq x y z
N PRO A 1 5.64 -1.48 -15.44
CA PRO A 1 5.03 -0.90 -14.24
C PRO A 1 4.13 -1.84 -13.49
N MET A 2 3.78 -1.41 -12.30
CA MET A 2 2.93 -2.13 -11.38
C MET A 2 1.70 -1.30 -11.09
N PHE A 3 0.54 -1.91 -11.18
CA PHE A 3 -0.74 -1.25 -10.98
C PHE A 3 -1.54 -2.00 -9.92
N ILE A 4 -1.95 -1.29 -8.88
CA ILE A 4 -2.72 -1.84 -7.76
C ILE A 4 -4.04 -1.08 -7.64
N VAL A 5 -5.13 -1.84 -7.52
N VAL A 5 -5.15 -1.81 -7.55
CA VAL A 5 -6.48 -1.33 -7.30
CA VAL A 5 -6.46 -1.16 -7.30
C VAL A 5 -6.98 -1.88 -5.97
C VAL A 5 -7.13 -1.82 -6.10
N ASN A 6 -7.43 -0.99 -5.09
CA ASN A 6 -8.22 -1.39 -3.91
C ASN A 6 -9.62 -0.79 -4.09
N THR A 7 -10.65 -1.60 -3.90
CA THR A 7 -12.01 -1.15 -4.15
C THR A 7 -12.99 -1.86 -3.23
N ASN A 8 -14.10 -1.16 -2.94
CA ASN A 8 -15.22 -1.74 -2.20
C ASN A 8 -16.17 -2.54 -3.09
N VAL A 9 -15.95 -2.52 -4.41
CA VAL A 9 -16.74 -3.39 -5.28
C VAL A 9 -16.54 -4.84 -4.86
N PRO A 10 -17.57 -5.68 -4.81
CA PRO A 10 -17.35 -7.07 -4.37
C PRO A 10 -16.68 -7.93 -5.43
N ARG A 11 -16.02 -8.98 -4.94
CA ARG A 11 -15.27 -9.88 -5.83
C ARG A 11 -16.12 -10.36 -6.99
N ALA A 12 -17.38 -10.71 -6.71
CA ALA A 12 -18.24 -11.25 -7.76
C ALA A 12 -18.50 -10.25 -8.87
N SER A 13 -18.29 -8.96 -8.63
CA SER A 13 -18.47 -7.95 -9.64
C SER A 13 -17.19 -7.62 -10.38
N VAL A 14 -16.09 -8.28 -10.04
CA VAL A 14 -14.88 -8.17 -10.85
C VAL A 14 -15.03 -9.16 -11.99
N PRO A 15 -15.06 -8.72 -13.23
CA PRO A 15 -15.31 -9.67 -14.34
C PRO A 15 -14.15 -10.63 -14.55
N ASP A 16 -14.48 -11.85 -14.99
CA ASP A 16 -13.46 -12.75 -15.47
C ASP A 16 -12.61 -12.06 -16.54
N GLY A 17 -11.31 -12.29 -16.45
CA GLY A 17 -10.38 -11.73 -17.39
C GLY A 17 -9.87 -10.35 -17.05
N PHE A 18 -10.28 -9.77 -15.91
CA PHE A 18 -9.95 -8.37 -15.63
C PHE A 18 -8.44 -8.17 -15.44
N LEU A 19 -7.77 -9.13 -14.78
CA LEU A 19 -6.33 -8.95 -14.63
C LEU A 19 -5.61 -9.00 -15.98
N SER A 20 -6.08 -9.86 -16.90
CA SER A 20 -5.46 -9.91 -18.21
C SER A 20 -5.73 -8.64 -19.01
N GLU A 21 -6.92 -8.07 -18.88
CA GLU A 21 -7.24 -6.85 -19.60
C GLU A 21 -6.38 -5.70 -19.10
N LEU A 22 -6.25 -5.60 -17.78
CA LEU A 22 -5.36 -4.60 -17.22
C LEU A 22 -3.93 -4.77 -17.73
N THR A 23 -3.42 -6.00 -17.73
CA THR A 23 -2.06 -6.25 -18.24
C THR A 23 -1.92 -5.81 -19.68
N GLN A 24 -2.87 -6.23 -20.54
CA GLN A 24 -2.81 -5.88 -21.95
C GLN A 24 -2.86 -4.38 -22.16
N GLN A 25 -3.81 -3.73 -21.50
CA GLN A 25 -4.02 -2.30 -21.71
C GLN A 25 -2.86 -1.46 -21.18
N LEU A 26 -2.28 -1.85 -20.04
CA LEU A 26 -1.12 -1.14 -19.54
C LEU A 26 0.11 -1.35 -20.42
N ALA A 27 0.32 -2.57 -20.90
CA ALA A 27 1.42 -2.81 -21.84
C ALA A 27 1.27 -1.94 -23.08
N GLN A 28 0.05 -1.86 -23.63
CA GLN A 28 -0.14 -1.07 -24.83
C GLN A 28 0.04 0.40 -24.54
N ALA A 29 -0.48 0.88 -23.41
CA ALA A 29 -0.43 2.30 -23.10
C ALA A 29 0.99 2.75 -22.78
N THR A 30 1.75 1.94 -22.05
CA THR A 30 3.12 2.31 -21.69
C THR A 30 4.14 1.91 -22.76
N GLY A 31 3.77 1.14 -23.77
CA GLY A 31 4.75 0.76 -24.76
C GLY A 31 5.78 -0.18 -24.17
N LYS A 32 5.34 -1.14 -23.37
CA LYS A 32 6.23 -2.06 -22.68
C LYS A 32 5.71 -3.47 -22.84
N PRO A 33 6.60 -4.45 -22.90
CA PRO A 33 6.13 -5.83 -23.02
C PRO A 33 5.33 -6.25 -21.80
N PRO A 34 4.33 -7.10 -21.99
CA PRO A 34 3.52 -7.54 -20.83
C PRO A 34 4.33 -8.23 -19.76
N GLN A 35 5.50 -8.78 -20.09
CA GLN A 35 6.32 -9.50 -19.11
C GLN A 35 6.75 -8.59 -17.96
N TYR A 36 6.82 -7.29 -18.22
CA TYR A 36 7.20 -6.29 -17.23
C TYR A 36 6.04 -5.78 -16.39
N ILE A 37 4.81 -6.21 -16.66
CA ILE A 37 3.61 -5.62 -16.05
C ILE A 37 3.16 -6.51 -14.90
N ALA A 38 2.93 -5.90 -13.74
CA ALA A 38 2.27 -6.56 -12.63
C ALA A 38 0.99 -5.83 -12.27
N VAL A 39 -0.05 -6.59 -11.94
CA VAL A 39 -1.35 -6.03 -11.62
C VAL A 39 -1.92 -6.75 -10.41
N HIS A 40 -2.68 -6.00 -9.64
CA HIS A 40 -3.14 -6.48 -8.33
C HIS A 40 -4.47 -5.79 -8.06
N VAL A 41 -5.52 -6.58 -7.82
CA VAL A 41 -6.86 -6.05 -7.58
C VAL A 41 -7.35 -6.61 -6.26
N VAL A 42 -7.85 -5.73 -5.40
CA VAL A 42 -8.28 -6.06 -4.05
C VAL A 42 -9.72 -5.59 -3.86
N PRO A 43 -10.70 -6.47 -4.05
CA PRO A 43 -12.10 -6.09 -3.88
C PRO A 43 -12.57 -6.20 -2.43
N ASP A 44 -13.85 -5.92 -2.21
CA ASP A 44 -14.53 -6.12 -0.90
C ASP A 44 -13.96 -5.27 0.20
N GLN A 45 -13.36 -4.14 -0.14
CA GLN A 45 -12.68 -3.35 0.86
C GLN A 45 -13.67 -2.45 1.59
N LEU A 46 -13.37 -2.20 2.85
CA LEU A 46 -14.10 -1.26 3.69
C LEU A 46 -13.51 0.13 3.43
N MET A 47 -14.16 0.90 2.57
CA MET A 47 -13.64 2.23 2.28
C MET A 47 -14.77 3.21 2.04
N ALA A 48 -14.44 4.48 2.17
CA ALA A 48 -15.35 5.56 1.84
C ALA A 48 -14.59 6.61 1.05
N PHE A 49 -15.30 7.23 0.13
CA PHE A 49 -14.74 8.27 -0.72
C PHE A 49 -15.66 9.48 -0.56
N GLY A 50 -15.13 10.56 -0.02
CA GLY A 50 -15.96 11.74 0.18
C GLY A 50 -17.15 11.48 1.08
N GLY A 51 -16.98 10.64 2.10
CA GLY A 51 -18.03 10.30 3.04
C GLY A 51 -19.06 9.29 2.54
N SER A 52 -18.95 8.83 1.29
CA SER A 52 -19.92 7.94 0.66
C SER A 52 -19.34 6.54 0.47
N SER A 53 -20.15 5.50 0.70
CA SER A 53 -19.70 4.14 0.43
C SER A 53 -20.14 3.64 -0.93
N GLU A 54 -20.52 4.53 -1.85
CA GLU A 54 -20.77 4.14 -3.22
C GLU A 54 -19.49 3.56 -3.80
N PRO A 55 -19.56 2.81 -4.90
CA PRO A 55 -18.35 2.24 -5.47
C PRO A 55 -17.25 3.28 -5.65
N CYS A 56 -16.05 2.92 -5.21
CA CYS A 56 -14.88 3.78 -5.34
C CYS A 56 -13.63 2.91 -5.45
N ALA A 57 -12.51 3.55 -5.78
CA ALA A 57 -11.24 2.86 -5.92
C ALA A 57 -10.09 3.76 -5.48
N LEU A 58 -9.13 3.16 -4.79
CA LEU A 58 -7.87 3.79 -4.45
C LEU A 58 -6.77 2.96 -5.08
N CYS A 59 -6.00 3.57 -5.99
CA CYS A 59 -5.08 2.84 -6.85
C CYS A 59 -3.70 3.46 -6.80
N SER A 60 -2.74 2.70 -7.32
N SER A 60 -2.74 2.69 -7.30
CA SER A 60 -1.39 3.24 -7.47
CA SER A 60 -1.37 3.15 -7.45
C SER A 60 -0.77 2.67 -8.73
C SER A 60 -0.84 2.70 -8.81
N LEU A 61 0.08 3.49 -9.36
CA LEU A 61 0.84 3.08 -10.53
C LEU A 61 2.28 3.48 -10.28
N HIS A 62 3.15 2.47 -10.23
CA HIS A 62 4.58 2.63 -9.98
C HIS A 62 5.32 2.30 -11.28
N SER A 63 6.24 3.16 -11.67
CA SER A 63 6.97 3.02 -12.92
C SER A 63 8.38 3.55 -12.70
N ILE A 64 9.35 2.93 -13.35
CA ILE A 64 10.72 3.46 -13.35
C ILE A 64 10.80 4.46 -14.50
N GLY A 65 10.64 5.74 -14.18
CA GLY A 65 10.48 6.73 -15.23
C GLY A 65 9.13 6.68 -15.91
N LYS A 66 9.02 7.51 -16.97
CA LYS A 66 7.79 7.60 -17.76
C LYS A 66 6.59 8.03 -16.90
N ILE A 67 6.87 8.89 -15.92
CA ILE A 67 5.84 9.50 -15.08
C ILE A 67 5.95 11.01 -15.23
N GLY A 68 4.82 11.68 -15.38
CA GLY A 68 4.80 13.11 -15.49
C GLY A 68 3.42 13.59 -15.86
N GLY A 69 3.27 14.91 -15.93
CA GLY A 69 1.98 15.53 -16.11
C GLY A 69 1.11 14.95 -17.20
N ALA A 70 1.60 14.99 -18.46
CA ALA A 70 0.80 14.53 -19.60
C ALA A 70 0.60 13.02 -19.56
N GLN A 71 1.66 12.26 -19.28
CA GLN A 71 1.52 10.80 -19.24
C GLN A 71 0.55 10.37 -18.14
N ASN A 72 0.60 11.03 -16.99
CA ASN A 72 -0.30 10.67 -15.89
C ASN A 72 -1.75 10.98 -16.24
N ARG A 73 -2.01 12.11 -16.88
CA ARG A 73 -3.36 12.35 -17.37
C ARG A 73 -3.82 11.24 -18.30
N SER A 74 -2.94 10.79 -19.19
CA SER A 74 -3.31 9.75 -20.14
C SER A 74 -3.58 8.42 -19.41
N TYR A 75 -2.72 8.06 -18.45
CA TYR A 75 -3.00 6.87 -17.64
C TYR A 75 -4.32 6.99 -16.91
N SER A 76 -4.62 8.17 -16.37
CA SER A 76 -5.85 8.30 -15.58
C SER A 76 -7.08 8.12 -16.45
N LYS A 77 -7.06 8.66 -17.68
CA LYS A 77 -8.18 8.44 -18.59
C LYS A 77 -8.34 6.96 -18.92
N LEU A 78 -7.23 6.30 -19.23
CA LEU A 78 -7.27 4.87 -19.53
C LEU A 78 -7.82 4.06 -18.37
N LEU A 79 -7.26 4.27 -17.19
CA LEU A 79 -7.56 3.44 -16.04
C LEU A 79 -8.92 3.75 -15.44
N CYS A 80 -9.28 5.04 -15.33
CA CYS A 80 -10.65 5.36 -14.92
C CYS A 80 -11.64 4.79 -15.90
N GLY A 81 -11.29 4.82 -17.19
CA GLY A 81 -12.18 4.25 -18.21
C GLY A 81 -12.41 2.78 -17.99
N LEU A 82 -11.36 2.03 -17.68
CA LEU A 82 -11.48 0.60 -17.40
C LEU A 82 -12.27 0.33 -16.12
N LEU A 83 -12.02 1.11 -15.07
CA LEU A 83 -12.74 0.92 -13.82
C LEU A 83 -14.22 1.29 -13.95
N ALA A 84 -14.53 2.30 -14.76
CA ALA A 84 -15.93 2.64 -15.02
C ALA A 84 -16.61 1.54 -15.84
N GLU A 85 -15.95 1.07 -16.88
CA GLU A 85 -16.59 0.08 -17.74
C GLU A 85 -16.73 -1.26 -17.05
N ARG A 86 -15.68 -1.73 -16.39
CA ARG A 86 -15.70 -3.09 -15.90
C ARG A 86 -16.20 -3.21 -14.47
N LEU A 87 -15.89 -2.22 -13.61
CA LEU A 87 -16.33 -2.26 -12.21
C LEU A 87 -17.44 -1.28 -11.89
N ARG A 88 -17.88 -0.47 -12.87
CA ARG A 88 -18.98 0.49 -12.70
C ARG A 88 -18.65 1.53 -11.63
N ILE A 89 -17.38 1.95 -11.55
CA ILE A 89 -16.94 2.98 -10.62
C ILE A 89 -16.84 4.30 -11.39
N SER A 90 -17.47 5.35 -10.86
CA SER A 90 -17.41 6.65 -11.50
C SER A 90 -15.98 7.21 -11.46
N PRO A 91 -15.50 7.83 -12.55
CA PRO A 91 -14.12 8.36 -12.52
C PRO A 91 -13.84 9.35 -11.41
N ASP A 92 -14.87 10.08 -10.93
CA ASP A 92 -14.64 11.05 -9.88
C ASP A 92 -14.70 10.40 -8.49
N ARG A 93 -14.76 9.06 -8.43
CA ARG A 93 -14.60 8.31 -7.20
C ARG A 93 -13.38 7.38 -7.27
N VAL A 94 -12.39 7.76 -8.06
CA VAL A 94 -11.11 7.08 -8.18
C VAL A 94 -10.00 8.05 -7.85
N TYR A 95 -9.08 7.63 -6.98
CA TYR A 95 -7.77 8.24 -6.87
C TYR A 95 -6.71 7.26 -7.34
N ILE A 96 -5.75 7.76 -8.12
CA ILE A 96 -4.58 7.00 -8.56
C ILE A 96 -3.32 7.75 -8.16
N ASN A 97 -2.52 7.15 -7.28
CA ASN A 97 -1.23 7.74 -6.91
C ASN A 97 -0.15 7.22 -7.86
N TYR A 98 0.56 8.15 -8.48
CA TYR A 98 1.61 7.86 -9.45
C TYR A 98 2.97 8.00 -8.76
N TYR A 99 3.85 7.03 -8.99
CA TYR A 99 5.15 7.00 -8.33
C TYR A 99 6.22 6.78 -9.38
N ASP A 100 7.18 7.70 -9.45
CA ASP A 100 8.35 7.56 -10.34
C ASP A 100 9.45 6.97 -9.50
N MET A 101 9.69 5.68 -9.68
CA MET A 101 10.65 4.93 -8.88
C MET A 101 12.03 4.99 -9.52
N ASN A 102 13.04 5.20 -8.68
CA ASN A 102 14.41 5.00 -9.12
C ASN A 102 14.70 3.52 -9.26
N ALA A 103 15.47 3.18 -10.31
CA ALA A 103 15.80 1.78 -10.58
C ALA A 103 16.47 1.12 -9.41
N ALA A 104 17.26 1.88 -8.65
CA ALA A 104 17.95 1.34 -7.48
C ALA A 104 17.00 0.98 -6.36
N ASN A 105 15.76 1.49 -6.40
CA ASN A 105 14.79 1.28 -5.36
C ASN A 105 13.69 0.31 -5.79
N VAL A 106 13.93 -0.47 -6.85
CA VAL A 106 13.02 -1.54 -7.23
C VAL A 106 13.80 -2.85 -7.27
N GLY A 107 13.43 -3.76 -6.36
CA GLY A 107 14.00 -5.10 -6.32
C GLY A 107 13.27 -6.07 -7.22
N TRP A 108 14.05 -6.99 -7.81
CA TRP A 108 13.54 -8.03 -8.69
C TRP A 108 14.62 -9.09 -8.80
N ASN A 109 14.23 -10.35 -8.70
CA ASN A 109 15.14 -11.47 -9.02
C ASN A 109 16.49 -11.35 -8.29
N ASN A 110 16.43 -11.18 -6.98
CA ASN A 110 17.59 -11.18 -6.08
C ASN A 110 18.46 -9.93 -6.17
N SER A 111 18.06 -8.93 -6.94
CA SER A 111 18.86 -7.73 -7.05
C SER A 111 17.90 -6.57 -7.24
N THR A 112 18.39 -5.48 -7.83
CA THR A 112 17.54 -4.38 -8.25
C THR A 112 17.78 -4.12 -9.75
N PHE A 113 17.04 -3.15 -10.27
CA PHE A 113 17.14 -2.76 -11.66
C PHE A 113 18.26 -1.75 -11.92
N ALA A 114 18.98 -1.31 -10.90
CA ALA A 114 20.01 -0.28 -11.09
C ALA A 114 21.11 -0.83 -11.95
N PRO B 1 -7.27 14.26 0.62
CA PRO B 1 -6.30 13.32 1.19
C PRO B 1 -6.86 11.92 1.37
N MET B 2 -5.95 10.99 1.60
CA MET B 2 -6.26 9.57 1.65
C MET B 2 -5.61 8.98 2.87
N PHE B 3 -6.40 8.29 3.70
CA PHE B 3 -5.93 7.64 4.91
C PHE B 3 -6.26 6.16 4.85
N ILE B 4 -5.24 5.34 5.03
CA ILE B 4 -5.34 3.89 4.98
C ILE B 4 -4.84 3.33 6.31
N VAL B 5 -5.61 2.41 6.88
N VAL B 5 -5.59 2.42 6.91
CA VAL B 5 -5.28 1.66 8.09
CA VAL B 5 -5.10 1.71 8.09
C VAL B 5 -5.22 0.16 7.73
C VAL B 5 -5.24 0.21 7.86
N ASN B 6 -4.11 -0.49 8.09
N ASN B 6 -4.12 -0.51 7.89
CA ASN B 6 -3.97 -1.94 8.00
CA ASN B 6 -4.09 -1.96 7.98
C ASN B 6 -3.72 -2.47 9.41
C ASN B 6 -3.86 -2.36 9.43
N THR B 7 -4.58 -3.38 9.88
CA THR B 7 -4.52 -3.78 11.29
C THR B 7 -4.88 -5.25 11.47
N ASN B 8 -4.32 -5.85 12.52
CA ASN B 8 -4.66 -7.22 12.87
C ASN B 8 -5.93 -7.29 13.73
N VAL B 9 -6.46 -6.15 14.16
CA VAL B 9 -7.74 -6.12 14.89
C VAL B 9 -8.82 -6.77 14.02
N PRO B 10 -9.70 -7.60 14.57
CA PRO B 10 -10.70 -8.27 13.74
C PRO B 10 -11.81 -7.33 13.27
N ARG B 11 -12.43 -7.71 12.15
CA ARG B 11 -13.46 -6.88 11.52
C ARG B 11 -14.55 -6.50 12.51
N ALA B 12 -14.99 -7.46 13.34
CA ALA B 12 -16.05 -7.22 14.31
C ALA B 12 -15.69 -6.12 15.30
N SER B 13 -14.41 -5.87 15.54
CA SER B 13 -14.01 -4.85 16.49
C SER B 13 -13.90 -3.46 15.88
N VAL B 14 -14.25 -3.29 14.60
CA VAL B 14 -14.27 -1.98 13.97
C VAL B 14 -15.67 -1.40 14.14
N PRO B 15 -15.85 -0.32 14.91
CA PRO B 15 -17.21 0.22 15.12
C PRO B 15 -17.85 0.64 13.81
N ASP B 16 -19.19 0.57 13.75
N ASP B 16 -19.16 0.41 13.72
CA ASP B 16 -19.89 0.82 12.49
CA ASP B 16 -19.98 1.14 12.76
C ASP B 16 -19.67 2.25 11.97
C ASP B 16 -19.77 2.63 13.00
N GLY B 17 -19.51 3.23 12.85
N GLY B 17 -19.68 3.37 11.91
CA GLY B 17 -19.34 4.61 12.44
CA GLY B 17 -19.36 4.77 11.98
C GLY B 17 -17.92 5.03 12.18
C GLY B 17 -17.87 5.08 12.03
N PHE B 18 -16.98 4.09 12.13
CA PHE B 18 -15.56 4.41 12.14
C PHE B 18 -15.13 5.13 10.87
N LEU B 19 -15.56 4.65 9.70
CA LEU B 19 -15.17 5.34 8.48
C LEU B 19 -15.67 6.79 8.48
N SER B 20 -16.91 7.01 8.92
CA SER B 20 -17.43 8.38 8.93
C SER B 20 -16.68 9.23 9.94
N GLU B 21 -16.33 8.66 11.09
CA GLU B 21 -15.59 9.41 12.07
C GLU B 21 -14.21 9.79 11.54
N LEU B 22 -13.55 8.86 10.85
CA LEU B 22 -12.26 9.21 10.25
C LEU B 22 -12.42 10.32 9.23
N THR B 23 -13.47 10.25 8.41
CA THR B 23 -13.68 11.24 7.39
C THR B 23 -13.87 12.62 8.01
N GLN B 24 -14.70 12.70 9.05
CA GLN B 24 -15.00 14.00 9.67
C GLN B 24 -13.79 14.56 10.41
N GLN B 25 -13.10 13.70 11.16
CA GLN B 25 -11.93 14.17 11.92
C GLN B 25 -10.81 14.61 10.99
N LEU B 26 -10.60 13.88 9.90
CA LEU B 26 -9.58 14.27 8.93
C LEU B 26 -9.96 15.55 8.20
N ALA B 27 -11.25 15.76 7.93
CA ALA B 27 -11.64 17.01 7.30
C ALA B 27 -11.34 18.18 8.22
N GLN B 28 -11.68 18.02 9.50
CA GLN B 28 -11.36 19.04 10.50
C GLN B 28 -9.86 19.30 10.54
N ALA B 29 -9.07 18.22 10.64
CA ALA B 29 -7.63 18.34 10.87
C ALA B 29 -6.85 18.83 9.66
N THR B 30 -7.27 18.49 8.44
CA THR B 30 -6.53 18.91 7.26
C THR B 30 -7.06 20.21 6.65
N GLY B 31 -8.15 20.77 7.19
CA GLY B 31 -8.79 21.92 6.60
C GLY B 31 -9.39 21.69 5.23
N LYS B 32 -9.65 20.41 4.83
CA LYS B 32 -10.19 20.09 3.52
C LYS B 32 -11.68 19.74 3.63
N PRO B 33 -12.49 20.08 2.62
CA PRO B 33 -13.86 19.57 2.59
C PRO B 33 -13.86 18.05 2.61
N PRO B 34 -14.82 17.45 3.29
CA PRO B 34 -14.85 15.98 3.35
C PRO B 34 -15.04 15.31 2.01
N GLN B 35 -15.54 16.02 1.00
CA GLN B 35 -15.65 15.47 -0.35
C GLN B 35 -14.30 15.01 -0.88
N TYR B 36 -13.22 15.61 -0.41
CA TYR B 36 -11.89 15.27 -0.90
C TYR B 36 -11.22 14.14 -0.11
N ILE B 37 -11.86 13.63 0.92
CA ILE B 37 -11.22 12.71 1.87
C ILE B 37 -11.64 11.29 1.55
N ALA B 38 -10.66 10.40 1.43
CA ALA B 38 -10.89 8.98 1.22
C ALA B 38 -10.31 8.24 2.41
N VAL B 39 -11.03 7.25 2.91
CA VAL B 39 -10.59 6.46 4.06
C VAL B 39 -10.76 4.98 3.73
N HIS B 40 -9.86 4.17 4.30
CA HIS B 40 -9.75 2.77 3.91
C HIS B 40 -9.22 2.01 5.11
N VAL B 41 -10.00 1.05 5.63
CA VAL B 41 -9.67 0.28 6.83
C VAL B 41 -9.61 -1.19 6.44
N VAL B 42 -8.50 -1.83 6.75
CA VAL B 42 -8.27 -3.22 6.38
C VAL B 42 -8.01 -4.02 7.64
N PRO B 43 -9.04 -4.71 8.18
CA PRO B 43 -8.84 -5.53 9.39
C PRO B 43 -8.35 -6.94 9.11
N ASP B 44 -8.19 -7.72 10.19
CA ASP B 44 -7.92 -9.15 10.10
C ASP B 44 -6.58 -9.47 9.45
N GLN B 45 -5.63 -8.53 9.51
CA GLN B 45 -4.34 -8.70 8.83
C GLN B 45 -3.36 -9.55 9.63
N LEU B 46 -2.53 -10.28 8.89
CA LEU B 46 -1.42 -11.05 9.43
C LEU B 46 -0.23 -10.12 9.55
N MET B 47 -0.04 -9.54 10.73
CA MET B 47 1.05 -8.58 10.90
C MET B 47 1.61 -8.67 12.32
N ALA B 48 2.80 -8.10 12.47
CA ALA B 48 3.51 -8.11 13.75
C ALA B 48 4.23 -6.78 13.85
N PHE B 49 4.35 -6.29 15.07
CA PHE B 49 5.05 -5.06 15.38
C PHE B 49 6.02 -5.38 16.51
N GLY B 50 7.31 -5.18 16.28
CA GLY B 50 8.32 -5.60 17.26
C GLY B 50 8.32 -7.08 17.57
N GLY B 51 8.02 -7.91 16.58
CA GLY B 51 7.95 -9.36 16.75
C GLY B 51 6.69 -9.87 17.44
N SER B 52 5.80 -8.98 17.84
CA SER B 52 4.60 -9.27 18.62
C SER B 52 3.34 -9.14 17.77
N SER B 53 2.35 -10.00 18.03
CA SER B 53 1.08 -9.95 17.34
C SER B 53 -0.04 -9.34 18.17
N GLU B 54 0.31 -8.66 19.25
CA GLU B 54 -0.63 -7.79 19.94
C GLU B 54 -1.23 -6.83 18.92
N PRO B 55 -2.41 -6.26 19.19
CA PRO B 55 -3.01 -5.33 18.23
C PRO B 55 -2.02 -4.26 17.81
N CYS B 56 -1.96 -4.01 16.51
CA CYS B 56 -1.07 -3.00 15.98
C CYS B 56 -1.68 -2.45 14.70
N ALA B 57 -1.09 -1.40 14.17
CA ALA B 57 -1.60 -0.84 12.92
C ALA B 57 -0.47 -0.22 12.12
N LEU B 58 -0.55 -0.40 10.79
CA LEU B 58 0.33 0.23 9.82
C LEU B 58 -0.54 1.09 8.91
N CYS B 59 -0.26 2.38 8.86
CA CYS B 59 -1.15 3.33 8.22
C CYS B 59 -0.38 4.20 7.26
N SER B 60 -1.15 4.92 6.43
CA SER B 60 -0.56 5.95 5.60
C SER B 60 -1.55 7.09 5.44
N LEU B 61 -0.99 8.30 5.31
CA LEU B 61 -1.76 9.50 4.99
C LEU B 61 -1.11 10.17 3.80
N HIS B 62 -1.81 10.23 2.68
CA HIS B 62 -1.35 10.90 1.47
C HIS B 62 -2.12 12.21 1.33
N SER B 63 -1.39 13.30 1.07
CA SER B 63 -2.01 14.60 0.88
C SER B 63 -1.20 15.38 -0.15
N ILE B 64 -1.87 16.23 -0.92
CA ILE B 64 -1.18 17.17 -1.79
C ILE B 64 -0.87 18.39 -0.93
N GLY B 65 0.36 18.48 -0.43
CA GLY B 65 0.69 19.41 0.66
C GLY B 65 0.00 19.10 2.01
N LYS B 66 0.10 20.07 2.93
CA LYS B 66 -0.42 19.88 4.29
C LYS B 66 0.29 18.72 4.99
N ILE B 67 1.56 18.52 4.63
CA ILE B 67 2.45 17.52 5.21
C ILE B 67 3.73 18.23 5.66
N GLY B 68 4.22 17.88 6.83
CA GLY B 68 5.40 18.52 7.37
C GLY B 68 5.51 18.31 8.87
N GLY B 69 6.65 18.75 9.41
CA GLY B 69 7.01 18.44 10.78
C GLY B 69 5.91 18.55 11.81
N ALA B 70 5.46 19.78 12.07
CA ALA B 70 4.48 19.98 13.13
C ALA B 70 3.12 19.44 12.73
N GLN B 71 2.74 19.62 11.46
CA GLN B 71 1.47 19.06 11.00
C GLN B 71 1.43 17.55 11.20
N ASN B 72 2.52 16.85 10.83
CA ASN B 72 2.53 15.39 10.99
C ASN B 72 2.46 14.98 12.46
N ARG B 73 3.05 15.76 13.36
CA ARG B 73 2.93 15.42 14.77
C ARG B 73 1.48 15.54 15.22
N SER B 74 0.80 16.61 14.78
CA SER B 74 -0.59 16.80 15.15
C SER B 74 -1.46 15.68 14.59
N TYR B 75 -1.24 15.32 13.32
CA TYR B 75 -1.99 14.19 12.74
C TYR B 75 -1.74 12.91 13.53
N SER B 76 -0.50 12.69 13.97
CA SER B 76 -0.22 11.44 14.67
C SER B 76 -0.94 11.38 16.02
N LYS B 77 -0.99 12.49 16.77
CA LYS B 77 -1.73 12.48 18.03
C LYS B 77 -3.21 12.23 17.78
N LEU B 78 -3.75 12.83 16.73
CA LEU B 78 -5.17 12.65 16.45
C LEU B 78 -5.48 11.22 16.04
N LEU B 79 -4.69 10.67 15.11
CA LEU B 79 -4.99 9.36 14.55
C LEU B 79 -4.63 8.24 15.52
N CYS B 80 -3.49 8.34 16.22
CA CYS B 80 -3.26 7.39 17.30
C CYS B 80 -4.39 7.45 18.32
N GLY B 81 -4.88 8.66 18.62
CA GLY B 81 -5.96 8.77 19.58
C GLY B 81 -7.18 7.97 19.15
N LEU B 82 -7.54 8.08 17.87
CA LEU B 82 -8.72 7.37 17.36
C LEU B 82 -8.48 5.87 17.33
N LEU B 83 -7.28 5.43 16.95
CA LEU B 83 -7.01 4.00 16.92
C LEU B 83 -7.00 3.39 18.32
N ALA B 84 -6.51 4.13 19.31
CA ALA B 84 -6.56 3.64 20.69
C ALA B 84 -7.99 3.60 21.24
N GLU B 85 -8.75 4.68 21.04
CA GLU B 85 -10.13 4.73 21.56
C GLU B 85 -11.05 3.75 20.84
N ARG B 86 -10.99 3.71 19.52
CA ARG B 86 -11.96 2.94 18.73
C ARG B 86 -11.54 1.52 18.44
N LEU B 87 -10.24 1.26 18.21
CA LEU B 87 -9.78 -0.08 17.94
C LEU B 87 -8.96 -0.68 19.07
N ARG B 88 -8.67 0.09 20.13
CA ARG B 88 -7.96 -0.43 21.29
C ARG B 88 -6.52 -0.83 20.92
N ILE B 89 -5.91 -0.07 20.03
CA ILE B 89 -4.53 -0.25 19.63
C ILE B 89 -3.68 0.76 20.39
N SER B 90 -2.61 0.28 21.01
N SER B 90 -2.61 0.28 21.02
CA SER B 90 -1.71 1.18 21.71
CA SER B 90 -1.69 1.17 21.72
C SER B 90 -0.97 2.08 20.72
C SER B 90 -0.96 2.08 20.74
N PRO B 91 -0.85 3.39 21.02
CA PRO B 91 -0.11 4.28 20.10
C PRO B 91 1.32 3.87 19.83
N ASP B 92 1.99 3.16 20.75
CA ASP B 92 3.36 2.74 20.46
C ASP B 92 3.41 1.47 19.61
N ARG B 93 2.27 1.04 19.08
CA ARG B 93 2.21 -0.05 18.12
C ARG B 93 1.51 0.40 16.84
N VAL B 94 1.66 1.68 16.50
CA VAL B 94 1.10 2.28 15.29
C VAL B 94 2.24 2.96 14.56
N TYR B 95 2.35 2.71 13.26
CA TYR B 95 3.13 3.54 12.35
C TYR B 95 2.17 4.23 11.39
N ILE B 96 2.45 5.50 11.11
CA ILE B 96 1.72 6.27 10.09
C ILE B 96 2.77 6.89 9.17
N ASN B 97 2.79 6.46 7.91
CA ASN B 97 3.68 7.05 6.92
C ASN B 97 2.98 8.21 6.24
N TYR B 98 3.63 9.36 6.24
CA TYR B 98 3.09 10.56 5.63
C TYR B 98 3.74 10.77 4.26
N TYR B 99 2.92 11.11 3.26
CA TYR B 99 3.39 11.34 1.91
C TYR B 99 2.83 12.64 1.38
N ASP B 100 3.72 13.54 0.96
CA ASP B 100 3.37 14.78 0.28
C ASP B 100 3.36 14.49 -1.21
N MET B 101 2.18 14.43 -1.80
CA MET B 101 2.07 14.12 -3.23
C MET B 101 2.06 15.41 -4.05
N ASN B 102 2.73 15.38 -5.20
CA ASN B 102 2.57 16.44 -6.18
C ASN B 102 1.25 16.29 -6.89
N ALA B 103 0.56 17.43 -7.10
CA ALA B 103 -0.76 17.39 -7.70
C ALA B 103 -0.77 16.64 -9.04
N ALA B 104 0.29 16.75 -9.83
CA ALA B 104 0.28 16.07 -11.13
C ALA B 104 0.45 14.56 -10.98
N ASN B 105 0.82 14.10 -9.79
CA ASN B 105 1.01 12.67 -9.53
C ASN B 105 -0.19 12.05 -8.80
N VAL B 106 -1.34 12.74 -8.78
CA VAL B 106 -2.59 12.19 -8.25
C VAL B 106 -3.63 12.22 -9.36
N GLY B 107 -4.01 11.05 -9.83
CA GLY B 107 -5.07 10.95 -10.79
C GLY B 107 -6.44 10.91 -10.13
N TRP B 108 -7.40 11.46 -10.86
CA TRP B 108 -8.77 11.61 -10.40
C TRP B 108 -9.61 12.08 -11.59
N ASN B 109 -10.78 11.48 -11.78
CA ASN B 109 -11.77 11.97 -12.75
C ASN B 109 -11.19 12.08 -14.17
N ASN B 110 -10.54 11.01 -14.61
CA ASN B 110 -10.00 10.93 -15.96
C ASN B 110 -8.81 11.85 -16.20
N SER B 111 -8.31 12.54 -15.18
CA SER B 111 -7.16 13.41 -15.34
C SER B 111 -6.33 13.38 -14.06
N THR B 112 -5.67 14.51 -13.74
CA THR B 112 -4.99 14.69 -12.48
C THR B 112 -5.46 15.98 -11.80
N PHE B 113 -4.93 16.22 -10.62
CA PHE B 113 -5.17 17.45 -9.88
C PHE B 113 -4.27 18.60 -10.31
N ALA B 114 -3.38 18.39 -11.29
CA ALA B 114 -2.51 19.47 -11.80
C ALA B 114 -3.33 20.67 -12.26
N PRO C 1 12.75 -0.87 9.99
CA PRO C 1 11.93 -0.91 8.78
C PRO C 1 10.56 -1.59 8.91
N MET C 2 9.76 -1.39 7.86
CA MET C 2 8.44 -1.99 7.71
C MET C 2 8.44 -2.74 6.40
N PHE C 3 8.07 -4.03 6.44
CA PHE C 3 8.13 -4.90 5.28
C PHE C 3 6.73 -5.43 5.05
N ILE C 4 6.21 -5.21 3.85
CA ILE C 4 4.89 -5.67 3.45
C ILE C 4 5.03 -6.60 2.23
N VAL C 5 4.34 -7.75 2.31
N VAL C 5 4.38 -7.75 2.28
CA VAL C 5 4.26 -8.76 1.25
CA VAL C 5 4.34 -8.65 1.13
C VAL C 5 2.81 -8.93 0.82
C VAL C 5 2.89 -9.03 0.81
N ASN C 6 2.56 -8.82 -0.49
N ASN C 6 2.46 -8.68 -0.40
CA ASN C 6 1.25 -9.09 -1.09
CA ASN C 6 1.19 -9.14 -0.96
C ASN C 6 1.43 -10.24 -2.06
C ASN C 6 1.49 -10.27 -1.93
N THR C 7 0.70 -11.33 -1.86
CA THR C 7 0.96 -12.51 -2.70
C THR C 7 -0.32 -13.28 -2.99
N ASN C 8 -0.31 -13.97 -4.13
CA ASN C 8 -1.39 -14.86 -4.52
C ASN C 8 -1.22 -16.26 -3.93
N VAL C 9 -0.15 -16.49 -3.19
CA VAL C 9 0.00 -17.78 -2.51
C VAL C 9 -1.08 -17.89 -1.44
N PRO C 10 -1.65 -19.06 -1.21
CA PRO C 10 -2.74 -19.17 -0.22
C PRO C 10 -2.26 -19.10 1.21
N ARG C 11 -3.17 -18.68 2.09
CA ARG C 11 -2.81 -18.50 3.50
C ARG C 11 -2.23 -19.77 4.10
N ALA C 12 -2.80 -20.93 3.74
CA ALA C 12 -2.36 -22.19 4.34
C ALA C 12 -0.90 -22.54 3.98
N SER C 13 -0.36 -21.96 2.92
CA SER C 13 1.03 -22.13 2.52
C SER C 13 2.01 -21.21 3.24
N VAL C 14 1.54 -20.28 4.07
CA VAL C 14 2.42 -19.43 4.86
C VAL C 14 2.76 -20.21 6.13
N PRO C 15 4.02 -20.58 6.35
CA PRO C 15 4.35 -21.47 7.46
C PRO C 15 4.32 -20.76 8.80
N ASP C 16 4.05 -21.55 9.84
CA ASP C 16 4.24 -21.06 11.21
C ASP C 16 5.63 -20.44 11.33
N GLY C 17 5.70 -19.32 12.06
CA GLY C 17 6.95 -18.65 12.33
C GLY C 17 7.40 -17.65 11.28
N PHE C 18 6.62 -17.48 10.19
CA PHE C 18 7.10 -16.66 9.08
C PHE C 18 7.27 -15.20 9.49
N LEU C 19 6.28 -14.63 10.18
CA LEU C 19 6.40 -13.23 10.59
C LEU C 19 7.61 -13.03 11.49
N SER C 20 7.84 -13.96 12.43
CA SER C 20 9.00 -13.87 13.31
C SER C 20 10.30 -14.03 12.54
N GLU C 21 10.32 -14.94 11.55
CA GLU C 21 11.53 -15.08 10.75
C GLU C 21 11.84 -13.80 9.99
N LEU C 22 10.83 -13.22 9.36
CA LEU C 22 11.05 -11.97 8.64
C LEU C 22 11.58 -10.90 9.60
N THR C 23 10.96 -10.78 10.77
CA THR C 23 11.40 -9.78 11.74
C THR C 23 12.87 -10.00 12.10
N GLN C 24 13.21 -11.25 12.43
CA GLN C 24 14.57 -11.55 12.85
C GLN C 24 15.59 -11.33 11.74
N GLN C 25 15.26 -11.73 10.50
CA GLN C 25 16.22 -11.56 9.42
C GLN C 25 16.37 -10.12 8.99
N LEU C 26 15.28 -9.34 9.04
CA LEU C 26 15.40 -7.90 8.77
C LEU C 26 16.23 -7.22 9.85
N ALA C 27 16.04 -7.60 11.11
CA ALA C 27 16.93 -7.08 12.16
C ALA C 27 18.38 -7.45 11.87
N GLN C 28 18.63 -8.69 11.43
CA GLN C 28 20.00 -9.08 11.13
C GLN C 28 20.54 -8.32 9.93
N ALA C 29 19.73 -8.15 8.90
CA ALA C 29 20.21 -7.52 7.66
C ALA C 29 20.47 -6.03 7.86
N THR C 30 19.58 -5.34 8.56
CA THR C 30 19.67 -3.89 8.72
C THR C 30 20.39 -3.49 9.99
N GLY C 31 20.69 -4.46 10.86
CA GLY C 31 21.23 -4.18 12.17
C GLY C 31 20.32 -3.44 13.11
N LYS C 32 19.05 -3.16 12.71
CA LYS C 32 18.13 -2.35 13.52
C LYS C 32 17.46 -3.20 14.60
N PRO C 33 17.03 -2.58 15.69
CA PRO C 33 16.44 -3.36 16.77
C PRO C 33 15.12 -3.96 16.34
N PRO C 34 14.89 -5.24 16.64
CA PRO C 34 13.62 -5.86 16.22
C PRO C 34 12.39 -5.20 16.81
N GLN C 35 12.52 -4.50 17.95
CA GLN C 35 11.34 -3.92 18.60
C GLN C 35 10.66 -2.86 17.73
N TYR C 36 11.36 -2.28 16.76
CA TYR C 36 10.77 -1.31 15.85
C TYR C 36 10.46 -1.89 14.47
N ILE C 37 10.64 -3.17 14.25
CA ILE C 37 10.43 -3.74 12.92
C ILE C 37 8.98 -4.19 12.82
N ALA C 38 8.32 -3.81 11.73
CA ALA C 38 6.95 -4.22 11.45
C ALA C 38 6.93 -5.06 10.19
N VAL C 39 6.14 -6.14 10.22
CA VAL C 39 5.99 -7.04 9.08
C VAL C 39 4.53 -7.33 8.85
N HIS C 40 4.19 -7.53 7.58
CA HIS C 40 2.79 -7.64 7.18
C HIS C 40 2.75 -8.52 5.95
N VAL C 41 1.98 -9.61 6.01
CA VAL C 41 1.92 -10.61 4.95
C VAL C 41 0.46 -10.75 4.55
N VAL C 42 0.19 -10.55 3.27
CA VAL C 42 -1.18 -10.56 2.77
C VAL C 42 -1.30 -11.63 1.69
N PRO C 43 -1.80 -12.82 2.04
CA PRO C 43 -1.92 -13.90 1.04
C PRO C 43 -3.24 -13.84 0.27
N ASP C 44 -3.44 -14.83 -0.61
CA ASP C 44 -4.69 -15.05 -1.34
C ASP C 44 -5.09 -13.89 -2.25
N GLN C 45 -4.10 -13.16 -2.76
CA GLN C 45 -4.40 -11.97 -3.53
C GLN C 45 -4.67 -12.29 -4.98
N LEU C 46 -5.57 -11.52 -5.57
CA LEU C 46 -5.84 -11.54 -7.01
C LEU C 46 -4.78 -10.68 -7.70
N MET C 47 -3.74 -11.32 -8.22
CA MET C 47 -2.68 -10.57 -8.87
C MET C 47 -2.06 -11.39 -10.00
N ALA C 48 -1.40 -10.68 -10.91
CA ALA C 48 -0.73 -11.31 -12.04
C ALA C 48 0.61 -10.62 -12.22
N PHE C 49 1.60 -11.39 -12.68
CA PHE C 49 2.94 -10.92 -12.96
C PHE C 49 3.30 -11.37 -14.37
N GLY C 50 3.53 -10.43 -15.28
CA GLY C 50 3.73 -10.78 -16.68
C GLY C 50 2.52 -11.38 -17.35
N GLY C 51 1.33 -11.14 -16.81
CA GLY C 51 0.13 -11.75 -17.33
C GLY C 51 -0.15 -13.16 -16.84
N SER C 52 0.69 -13.70 -15.97
CA SER C 52 0.55 -15.04 -15.44
C SER C 52 0.15 -15.00 -13.97
N SER C 53 -0.67 -15.96 -13.56
CA SER C 53 -1.10 -16.07 -12.17
C SER C 53 -0.34 -17.16 -11.43
N GLU C 54 0.81 -17.58 -11.95
CA GLU C 54 1.68 -18.43 -11.14
C GLU C 54 2.13 -17.61 -9.92
N PRO C 55 2.65 -18.29 -8.90
CA PRO C 55 3.01 -17.60 -7.66
C PRO C 55 3.88 -16.39 -7.93
N CYS C 56 3.51 -15.27 -7.30
CA CYS C 56 4.26 -14.03 -7.40
C CYS C 56 4.05 -13.22 -6.12
N ALA C 57 4.80 -12.13 -6.00
CA ALA C 57 4.67 -11.26 -4.85
C ALA C 57 5.01 -9.83 -5.21
N LEU C 58 4.26 -8.90 -4.63
CA LEU C 58 4.56 -7.47 -4.67
C LEU C 58 4.79 -6.99 -3.23
N CYS C 59 5.98 -6.47 -2.98
CA CYS C 59 6.43 -6.16 -1.63
C CYS C 59 6.91 -4.73 -1.57
N SER C 60 7.04 -4.23 -0.34
N SER C 60 7.02 -4.24 -0.33
CA SER C 60 7.64 -2.93 -0.10
CA SER C 60 7.59 -2.94 -0.02
C SER C 60 8.44 -2.98 1.19
C SER C 60 8.52 -3.09 1.16
N LEU C 61 9.55 -2.25 1.19
CA LEU C 61 10.39 -2.09 2.38
C LEU C 61 10.57 -0.60 2.61
N HIS C 62 10.06 -0.10 3.75
CA HIS C 62 10.19 1.28 4.15
C HIS C 62 11.19 1.33 5.29
N SER C 63 12.15 2.22 5.21
CA SER C 63 13.14 2.34 6.26
C SER C 63 13.50 3.80 6.43
N ILE C 64 13.77 4.19 7.68
CA ILE C 64 14.32 5.51 7.95
C ILE C 64 15.83 5.35 7.85
N GLY C 65 16.39 5.73 6.70
CA GLY C 65 17.76 5.37 6.38
C GLY C 65 17.96 3.87 6.18
N LYS C 66 19.22 3.50 5.94
CA LYS C 66 19.60 2.14 5.61
C LYS C 66 19.05 1.72 4.25
N ILE C 67 18.76 2.68 3.38
CA ILE C 67 18.31 2.44 2.02
C ILE C 67 19.37 3.00 1.07
N GLY C 68 19.72 2.21 0.06
CA GLY C 68 20.66 2.66 -0.96
C GLY C 68 20.98 1.54 -1.93
N GLY C 69 21.80 1.86 -2.92
CA GLY C 69 22.07 0.94 -4.01
C GLY C 69 22.49 -0.44 -3.57
N ALA C 70 23.60 -0.50 -2.83
CA ALA C 70 24.16 -1.81 -2.45
C ALA C 70 23.30 -2.48 -1.38
N GLN C 71 22.79 -1.69 -0.43
CA GLN C 71 21.92 -2.23 0.60
C GLN C 71 20.69 -2.86 -0.03
N ASN C 72 20.09 -2.17 -1.00
CA ASN C 72 18.86 -2.68 -1.59
C ASN C 72 19.12 -3.96 -2.39
N ARG C 73 20.27 -4.06 -3.06
CA ARG C 73 20.57 -5.32 -3.73
C ARG C 73 20.67 -6.43 -2.70
N SER C 74 21.30 -6.15 -1.55
CA SER C 74 21.42 -7.14 -0.50
C SER C 74 20.06 -7.55 0.07
N TYR C 75 19.19 -6.57 0.36
CA TYR C 75 17.83 -6.88 0.83
C TYR C 75 17.08 -7.72 -0.18
N SER C 76 17.21 -7.40 -1.47
CA SER C 76 16.48 -8.17 -2.47
C SER C 76 16.93 -9.62 -2.47
N LYS C 77 18.25 -9.86 -2.36
CA LYS C 77 18.72 -11.24 -2.28
C LYS C 77 18.14 -11.96 -1.07
N LEU C 78 18.20 -11.29 0.08
CA LEU C 78 17.68 -11.87 1.33
C LEU C 78 16.21 -12.16 1.22
N LEU C 79 15.44 -11.17 0.78
CA LEU C 79 13.98 -11.29 0.83
C LEU C 79 13.46 -12.21 -0.27
N CYS C 80 14.02 -12.14 -1.48
CA CYS C 80 13.65 -13.13 -2.49
C CYS C 80 14.02 -14.54 -2.02
N GLY C 81 15.17 -14.69 -1.35
CA GLY C 81 15.53 -15.99 -0.81
C GLY C 81 14.50 -16.54 0.15
N LEU C 82 13.97 -15.68 1.03
CA LEU C 82 12.99 -16.10 2.01
C LEU C 82 11.66 -16.42 1.34
N LEU C 83 11.26 -15.63 0.34
CA LEU C 83 10.01 -15.91 -0.34
C LEU C 83 10.09 -17.20 -1.16
N ALA C 84 11.26 -17.49 -1.73
CA ALA C 84 11.46 -18.73 -2.47
C ALA C 84 11.42 -19.93 -1.55
N GLU C 85 12.18 -19.87 -0.47
CA GLU C 85 12.28 -20.99 0.46
C GLU C 85 10.97 -21.25 1.20
N ARG C 86 10.32 -20.21 1.70
CA ARG C 86 9.14 -20.41 2.54
C ARG C 86 7.83 -20.41 1.79
N LEU C 87 7.66 -19.57 0.77
CA LEU C 87 6.40 -19.50 0.03
C LEU C 87 6.49 -20.09 -1.36
N ARG C 88 7.68 -20.54 -1.79
CA ARG C 88 7.91 -21.21 -3.08
C ARG C 88 7.60 -20.29 -4.26
N ILE C 89 7.95 -19.02 -4.09
CA ILE C 89 7.77 -18.01 -5.13
C ILE C 89 9.10 -17.78 -5.80
N SER C 90 9.12 -17.85 -7.13
N SER C 90 9.13 -17.86 -7.14
CA SER C 90 10.35 -17.65 -7.87
CA SER C 90 10.36 -17.66 -7.89
C SER C 90 10.83 -16.20 -7.70
C SER C 90 10.84 -16.22 -7.75
N PRO C 91 12.12 -15.98 -7.46
CA PRO C 91 12.61 -14.59 -7.36
C PRO C 91 12.31 -13.74 -8.57
N ASP C 92 12.22 -14.32 -9.76
CA ASP C 92 11.93 -13.51 -10.93
C ASP C 92 10.43 -13.23 -11.09
N ARG C 93 9.62 -13.58 -10.09
CA ARG C 93 8.22 -13.18 -10.01
C ARG C 93 7.97 -12.37 -8.74
N VAL C 94 8.97 -11.60 -8.30
CA VAL C 94 8.87 -10.76 -7.12
C VAL C 94 9.32 -9.36 -7.49
N TYR C 95 8.53 -8.34 -7.13
CA TYR C 95 9.00 -6.96 -7.10
C TYR C 95 9.01 -6.48 -5.65
N ILE C 96 10.03 -5.70 -5.30
CA ILE C 96 10.14 -5.06 -4.00
C ILE C 96 10.38 -3.57 -4.21
N ASN C 97 9.48 -2.72 -3.71
CA ASN C 97 9.70 -1.28 -3.76
C ASN C 97 10.36 -0.82 -2.47
N TYR C 98 11.49 -0.09 -2.59
CA TYR C 98 12.20 0.43 -1.43
C TYR C 98 11.93 1.91 -1.27
N TYR C 99 11.70 2.31 -0.02
CA TYR C 99 11.37 3.71 0.32
C TYR C 99 12.27 4.16 1.47
N ASP C 100 13.03 5.22 1.25
CA ASP C 100 13.77 5.89 2.31
C ASP C 100 12.88 6.99 2.89
N MET C 101 12.38 6.75 4.12
CA MET C 101 11.46 7.67 4.76
C MET C 101 12.21 8.70 5.59
N ASN C 102 11.79 9.95 5.45
CA ASN C 102 12.21 10.98 6.38
C ASN C 102 11.55 10.75 7.73
N ALA C 103 12.35 10.89 8.79
CA ALA C 103 11.85 10.65 10.13
C ALA C 103 10.65 11.53 10.45
N ALA C 104 10.64 12.76 9.94
CA ALA C 104 9.52 13.65 10.17
C ALA C 104 8.24 13.15 9.50
N ASN C 105 8.36 12.18 8.59
CA ASN C 105 7.20 11.67 7.86
C ASN C 105 6.79 10.27 8.33
N VAL C 106 7.26 9.85 9.51
CA VAL C 106 6.85 8.61 10.14
C VAL C 106 6.26 8.92 11.50
N GLY C 107 4.98 8.66 11.65
CA GLY C 107 4.32 8.84 12.91
C GLY C 107 4.35 7.59 13.75
N TRP C 108 4.45 7.80 15.04
CA TRP C 108 4.51 6.69 15.98
C TRP C 108 4.29 7.27 17.37
N ASN C 109 3.52 6.56 18.17
CA ASN C 109 3.33 6.91 19.59
C ASN C 109 2.96 8.38 19.78
N ASN C 110 1.90 8.79 19.08
CA ASN C 110 1.29 10.13 19.16
C ASN C 110 2.18 11.25 18.63
N SER C 111 3.30 10.93 17.99
CA SER C 111 4.21 11.93 17.48
C SER C 111 4.86 11.39 16.21
N THR C 112 6.01 11.94 15.85
CA THR C 112 6.82 11.40 14.76
C THR C 112 8.23 11.18 15.27
N PHE C 113 9.10 10.66 14.41
CA PHE C 113 10.47 10.36 14.80
C PHE C 113 11.41 11.54 14.58
N ALA C 114 10.90 12.68 14.10
CA ALA C 114 11.72 13.87 13.90
C ALA C 114 12.34 14.35 15.21
C13 EV7 D . 9.52 -3.30 -13.61
C17 EV7 D . 12.12 -2.40 -15.17
C20 EV7 D . 14.91 -0.07 -15.74
C21 EV7 D . 15.22 1.08 -16.46
C22 EV7 D . 14.22 1.64 -17.25
C24 EV7 D . 12.65 -0.12 -16.60
C02 EV7 D . 8.63 -0.08 -15.39
C04 EV7 D . 8.82 -1.11 -14.29
C05 EV7 D . 8.37 -0.85 -13.01
C06 EV7 D . 8.49 -1.81 -12.03
C07 EV7 D . 8.06 -1.54 -10.75
C08 EV7 D . 7.97 -0.28 -10.18
C11 EV7 D . 7.73 -2.44 -9.78
C12 EV7 D . 9.07 -3.03 -12.32
C14 EV7 D . 9.38 -2.34 -14.60
C16 EV7 D . 11.10 -1.87 -15.93
C18 EV7 D . 13.37 -1.82 -15.11
C19 EV7 D . 13.63 -0.67 -15.83
C23 EV7 D . 12.96 1.05 -17.33
C25 EV7 D . 11.37 -0.72 -16.67
N09 EV7 D . 7.58 -0.43 -8.93
N10 EV7 D . 7.44 -1.77 -8.67
O01 EV7 D . 8.12 -0.49 -16.47
O03 EV7 D . 8.93 1.13 -15.26
O15 EV7 D . 9.87 -2.55 -15.91
C13 EV7 E . -7.44 14.81 -3.07
C02 EV7 E . -5.13 17.00 -1.06
C04 EV7 E . -5.69 15.78 -1.76
C05 EV7 E . -5.01 14.59 -1.77
C06 EV7 E . -5.55 13.52 -2.42
C07 EV7 E . -4.87 12.34 -2.46
C08 EV7 E . -3.49 12.22 -2.31
C11 EV7 E . -5.37 11.10 -2.75
C12 EV7 E . -6.76 13.61 -3.09
C14 EV7 E . -6.89 15.89 -2.42
N09 EV7 E . -3.22 10.93 -2.46
N10 EV7 E . -4.36 10.24 -2.73
O01 EV7 E . -5.23 18.11 -1.66
O03 EV7 E . -4.56 16.86 0.05
O15 EV7 E . -7.53 17.13 -2.39
S SO4 F . 3.62 4.12 -0.95
O1 SO4 F . 4.36 3.25 -0.03
O2 SO4 F . 4.47 5.28 -1.24
O3 SO4 F . 3.26 3.38 -2.17
O4 SO4 F . 2.38 4.56 -0.33
C13 EV7 G . 11.04 2.92 12.78
C02 EV7 G . 14.09 2.30 10.57
C04 EV7 G . 12.68 2.55 11.06
C05 EV7 G . 11.68 2.63 10.09
C06 EV7 G . 10.36 2.84 10.45
C07 EV7 G . 9.38 2.97 9.47
C08 EV7 G . 9.58 3.30 8.13
C11 EV7 G . 8.00 2.92 9.64
C12 EV7 G . 10.05 3.01 11.79
C14 EV7 G . 12.36 2.69 12.42
C16 EV7 G . 13.46 3.82 14.16
N09 EV7 G . 8.38 3.39 7.55
N10 EV7 G . 7.42 3.16 8.47
O01 EV7 G . 14.21 1.61 9.52
O03 EV7 G . 15.11 2.72 11.18
O15 EV7 G . 13.34 2.62 13.45
S SO4 H . 14.65 -24.32 9.05
O1 SO4 H . 14.65 -22.92 9.41
O2 SO4 H . 15.99 -24.85 9.32
O3 SO4 H . 14.29 -24.50 7.63
O4 SO4 H . 13.67 -25.02 9.87
#